data_5HWR
#
_entry.id   5HWR
#
_cell.length_a   73.162
_cell.length_b   73.162
_cell.length_c   276.899
_cell.angle_alpha   90.000
_cell.angle_beta   90.000
_cell.angle_gamma   120.000
#
_symmetry.space_group_name_H-M   'P 61 2 2'
#
loop_
_entity.id
_entity.type
_entity.pdbx_description
1 polymer 'Hydroxymethylglutaryl-CoA synthase'
2 non-polymer GLYCEROL
3 non-polymer 'SULFATE ION'
4 non-polymer 'COENZYME A'
5 water water
#
_entity_poly.entity_id   1
_entity_poly.type   'polypeptide(L)'
_entity_poly.pdbx_seq_one_letter_code
;GHMKKRVGIEALAVAVPSRYVDIEDLARARGVDPAKYTAGLGAREMAVTDPGEDTVALAATAAARLIRQQDVDPSRIGML
VVGTETGIDHSKPVASHVQGLLKLPRTMRTYDTQHA(CSD)YGGTAGLMAAVEWIASGAGAGKVAVVVCSDIARYGLNTA
GEPTQGGGAVALLVSEQPDLLAMDVGLNGVCSMDVYDFWRPVGRREALVDGHYSITCYLEALSGAYRGWREKALAAGLVR
WSDALPGEQLARIAYHVPFCKMARKAHTQLRLCDLEDAADAAASTPESREAQAKSAASYDAQVATSLGLNSRIGNVYTAS
LYLALAGLLQHEAGALAGQRIGLLSYGSGCAAEFYSGTVGEKAAERMAKADLEAVLARRERVSIEEYERLMKLPADAPEA
VAPSPGAFRLTEIRDHRRQYAEGN
;
_entity_poly.pdbx_strand_id   A
#
# COMPACT_ATOMS: atom_id res chain seq x y z
N LYS A 4 -15.79 13.87 -19.76
CA LYS A 4 -14.86 14.98 -19.56
C LYS A 4 -13.45 14.46 -19.33
N LYS A 5 -12.60 15.31 -18.75
CA LYS A 5 -11.25 14.89 -18.45
C LYS A 5 -11.24 14.08 -17.15
N ARG A 6 -10.41 13.07 -17.13
CA ARG A 6 -10.24 12.16 -16.00
C ARG A 6 -8.75 12.01 -15.76
N VAL A 7 -8.38 11.73 -14.51
CA VAL A 7 -7.01 11.47 -14.13
C VAL A 7 -7.03 10.49 -12.96
N GLY A 8 -6.03 9.64 -12.90
CA GLY A 8 -5.98 8.69 -11.80
C GLY A 8 -5.13 7.49 -12.17
N ILE A 9 -5.45 6.38 -11.56
CA ILE A 9 -4.68 5.17 -11.71
C ILE A 9 -5.23 4.38 -12.91
N GLU A 10 -4.36 4.14 -13.88
CA GLU A 10 -4.68 3.37 -15.07
C GLU A 10 -4.53 1.87 -14.88
N ALA A 11 -3.51 1.45 -14.14
CA ALA A 11 -3.16 0.05 -13.99
C ALA A 11 -2.18 -0.07 -12.83
N LEU A 12 -1.96 -1.31 -12.40
CA LEU A 12 -0.96 -1.55 -11.36
C LEU A 12 -0.31 -2.91 -11.59
N ALA A 13 0.85 -3.09 -10.96
CA ALA A 13 1.56 -4.37 -10.93
C ALA A 13 2.12 -4.57 -9.53
N VAL A 14 2.33 -5.83 -9.17
CA VAL A 14 2.84 -6.20 -7.85
C VAL A 14 4.07 -7.06 -7.98
N ALA A 15 5.05 -6.80 -7.11
CA ALA A 15 6.17 -7.69 -6.85
C ALA A 15 6.22 -8.08 -5.39
N VAL A 16 6.54 -9.35 -5.12
CA VAL A 16 6.68 -9.83 -3.76
C VAL A 16 8.03 -10.54 -3.62
N PRO A 17 8.55 -10.62 -2.40
CA PRO A 17 9.76 -11.43 -2.17
C PRO A 17 9.54 -12.89 -2.55
N SER A 18 10.65 -13.59 -2.80
CA SER A 18 10.58 -14.97 -3.26
C SER A 18 10.15 -15.95 -2.18
N ARG A 19 10.25 -15.57 -0.91
CA ARG A 19 10.00 -16.46 0.22
C ARG A 19 8.91 -15.90 1.14
N TYR A 20 8.27 -16.81 1.85
CA TYR A 20 7.35 -16.42 2.92
C TYR A 20 7.38 -17.47 4.03
N VAL A 21 6.85 -17.11 5.19
CA VAL A 21 6.65 -18.08 6.27
C VAL A 21 5.17 -18.14 6.59
N ASP A 22 4.76 -19.30 7.09
CA ASP A 22 3.42 -19.46 7.66
C ASP A 22 3.38 -18.77 9.02
N ILE A 23 2.35 -17.94 9.24
CA ILE A 23 2.31 -17.12 10.45
C ILE A 23 2.12 -17.99 11.69
N GLU A 24 1.47 -19.14 11.57
CA GLU A 24 1.33 -20.00 12.74
CA GLU A 24 1.34 -20.00 12.75
C GLU A 24 2.68 -20.60 13.13
N ASP A 25 3.55 -20.88 12.16
CA ASP A 25 4.91 -21.32 12.51
C ASP A 25 5.63 -20.27 13.33
N LEU A 26 5.49 -19.00 12.96
CA LEU A 26 6.11 -17.93 13.72
C LEU A 26 5.59 -17.93 15.14
N ALA A 27 4.28 -18.02 15.32
CA ALA A 27 3.71 -18.02 16.66
C ALA A 27 4.33 -19.12 17.50
N ARG A 28 4.38 -20.32 16.96
CA ARG A 28 4.92 -21.44 17.73
C ARG A 28 6.38 -21.22 18.08
N ALA A 29 7.17 -20.66 17.16
CA ALA A 29 8.57 -20.36 17.45
C ALA A 29 8.73 -19.32 18.53
N ARG A 30 7.72 -18.48 18.73
CA ARG A 30 7.76 -17.41 19.72
C ARG A 30 7.03 -17.75 21.01
N GLY A 31 6.45 -18.94 21.11
CA GLY A 31 5.68 -19.33 22.29
C GLY A 31 4.37 -18.56 22.40
N VAL A 32 3.80 -18.17 21.25
CA VAL A 32 2.58 -17.38 21.15
C VAL A 32 1.46 -18.29 20.64
N ASP A 33 0.27 -18.07 21.16
CA ASP A 33 -0.90 -18.77 20.65
C ASP A 33 -1.12 -18.40 19.19
N PRO A 34 -1.14 -19.35 18.25
CA PRO A 34 -1.29 -18.97 16.84
C PRO A 34 -2.56 -18.22 16.53
N ALA A 35 -3.61 -18.39 17.34
CA ALA A 35 -4.82 -17.64 17.07
C ALA A 35 -4.66 -16.15 17.32
N LYS A 36 -3.67 -15.75 18.12
CA LYS A 36 -3.40 -14.33 18.24
C LYS A 36 -3.06 -13.72 16.88
N TYR A 37 -2.30 -14.45 16.05
CA TYR A 37 -1.92 -13.94 14.76
C TYR A 37 -3.00 -14.14 13.71
N THR A 38 -3.64 -15.31 13.69
CA THR A 38 -4.61 -15.58 12.62
C THR A 38 -5.94 -14.88 12.89
N ALA A 39 -6.42 -14.89 14.14
CA ALA A 39 -7.68 -14.24 14.46
C ALA A 39 -7.45 -12.83 14.98
N GLY A 40 -6.47 -12.68 15.87
CA GLY A 40 -6.25 -11.37 16.45
C GLY A 40 -5.76 -10.34 15.44
N LEU A 41 -4.82 -10.75 14.59
CA LEU A 41 -4.28 -9.83 13.62
C LEU A 41 -4.81 -10.04 12.21
N GLY A 42 -5.32 -11.24 11.89
CA GLY A 42 -5.81 -11.53 10.56
C GLY A 42 -4.77 -11.98 9.58
N ALA A 43 -3.59 -12.36 10.07
CA ALA A 43 -2.49 -12.78 9.21
C ALA A 43 -2.61 -14.23 8.77
N ARG A 44 -2.03 -14.53 7.60
CA ARG A 44 -1.93 -15.90 7.13
C ARG A 44 -0.50 -16.27 6.79
N GLU A 45 0.13 -15.48 5.91
CA GLU A 45 1.49 -15.71 5.47
CA GLU A 45 1.49 -15.71 5.47
C GLU A 45 2.25 -14.38 5.53
N MET A 46 3.54 -14.45 5.87
CA MET A 46 4.39 -13.28 5.99
C MET A 46 5.55 -13.38 5.02
N ALA A 47 5.64 -12.43 4.09
CA ALA A 47 6.82 -12.32 3.24
C ALA A 47 8.06 -12.10 4.08
N VAL A 48 9.13 -12.78 3.69
CA VAL A 48 10.44 -12.59 4.31
C VAL A 48 11.43 -12.38 3.18
N THR A 49 12.51 -11.66 3.47
CA THR A 49 13.46 -11.31 2.44
C THR A 49 14.87 -11.80 2.77
N ASP A 50 15.70 -11.79 1.73
CA ASP A 50 17.13 -11.79 1.93
C ASP A 50 17.66 -10.47 1.38
N PRO A 51 18.92 -10.13 1.61
CA PRO A 51 19.40 -8.78 1.23
C PRO A 51 19.37 -8.51 -0.26
N GLY A 52 19.31 -9.53 -1.12
CA GLY A 52 19.16 -9.33 -2.55
C GLY A 52 17.84 -8.71 -2.94
N GLU A 53 16.82 -8.89 -2.10
CA GLU A 53 15.51 -8.29 -2.31
C GLU A 53 15.43 -7.00 -1.53
N ASP A 54 16.17 -6.02 -2.01
CA ASP A 54 16.18 -4.69 -1.41
C ASP A 54 15.09 -3.82 -2.04
N THR A 55 14.99 -2.57 -1.58
CA THR A 55 13.92 -1.69 -2.01
C THR A 55 13.97 -1.47 -3.51
N VAL A 56 15.18 -1.38 -4.06
CA VAL A 56 15.39 -1.14 -5.49
C VAL A 56 14.94 -2.34 -6.29
N ALA A 57 15.40 -3.53 -5.90
CA ALA A 57 15.06 -4.73 -6.65
C ALA A 57 13.56 -4.95 -6.69
N LEU A 58 12.87 -4.77 -5.55
CA LEU A 58 11.42 -4.95 -5.53
C LEU A 58 10.73 -3.89 -6.37
N ALA A 59 11.17 -2.63 -6.24
CA ALA A 59 10.54 -1.56 -7.02
C ALA A 59 10.73 -1.78 -8.53
N ALA A 60 11.93 -2.13 -8.93
CA ALA A 60 12.24 -2.33 -10.33
C ALA A 60 11.49 -3.53 -10.88
N THR A 61 11.39 -4.60 -10.09
CA THR A 61 10.59 -5.76 -10.53
C THR A 61 9.16 -5.35 -10.80
N ALA A 62 8.56 -4.60 -9.87
CA ALA A 62 7.17 -4.20 -10.04
C ALA A 62 7.00 -3.26 -11.22
N ALA A 63 7.90 -2.28 -11.36
CA ALA A 63 7.76 -1.29 -12.43
C ALA A 63 8.00 -1.92 -13.80
N ALA A 64 8.98 -2.82 -13.91
CA ALA A 64 9.18 -3.51 -15.17
C ALA A 64 8.00 -4.39 -15.51
N ARG A 65 7.40 -5.04 -14.50
CA ARG A 65 6.24 -5.89 -14.72
C ARG A 65 5.06 -5.06 -15.22
N LEU A 66 4.85 -3.88 -14.62
CA LEU A 66 3.83 -2.97 -15.07
C LEU A 66 4.00 -2.62 -16.55
N ILE A 67 5.20 -2.21 -16.92
CA ILE A 67 5.48 -1.80 -18.29
C ILE A 67 5.22 -2.94 -19.26
N ARG A 68 5.68 -4.15 -18.91
CA ARG A 68 5.47 -5.29 -19.80
C ARG A 68 3.99 -5.68 -19.88
N GLN A 69 3.36 -5.87 -18.73
CA GLN A 69 1.98 -6.37 -18.68
C GLN A 69 1.02 -5.40 -19.36
N GLN A 70 1.25 -4.11 -19.22
CA GLN A 70 0.34 -3.08 -19.71
C GLN A 70 0.80 -2.48 -21.03
N ASP A 71 1.92 -2.96 -21.57
CA ASP A 71 2.49 -2.45 -22.83
C ASP A 71 2.59 -0.93 -22.80
N VAL A 72 3.25 -0.45 -21.76
CA VAL A 72 3.52 0.98 -21.61
C VAL A 72 4.67 1.36 -22.52
N ASP A 73 4.53 2.50 -23.21
CA ASP A 73 5.62 3.08 -23.99
C ASP A 73 6.49 3.84 -23.01
N PRO A 74 7.71 3.37 -22.70
CA PRO A 74 8.54 4.01 -21.67
C PRO A 74 8.81 5.48 -21.93
N SER A 75 8.82 5.88 -23.20
CA SER A 75 9.10 7.27 -23.51
C SER A 75 7.92 8.20 -23.23
N ARG A 76 6.77 7.65 -22.85
CA ARG A 76 5.65 8.47 -22.42
C ARG A 76 5.70 8.78 -20.92
N ILE A 77 6.61 8.16 -20.19
CA ILE A 77 6.72 8.39 -18.74
C ILE A 77 7.43 9.73 -18.52
N GLY A 78 6.73 10.65 -17.86
CA GLY A 78 7.29 11.96 -17.51
C GLY A 78 7.62 12.15 -16.04
N MET A 79 7.23 11.19 -15.21
CA MET A 79 7.52 11.20 -13.78
CA MET A 79 7.54 11.21 -13.80
C MET A 79 7.67 9.76 -13.32
N LEU A 80 8.74 9.48 -12.58
CA LEU A 80 8.97 8.19 -11.93
C LEU A 80 9.27 8.53 -10.48
N VAL A 81 8.34 8.18 -9.59
CA VAL A 81 8.45 8.49 -8.17
C VAL A 81 8.36 7.18 -7.39
N VAL A 82 9.24 7.01 -6.40
CA VAL A 82 9.19 5.87 -5.48
C VAL A 82 8.85 6.39 -4.10
N GLY A 83 7.71 5.93 -3.59
CA GLY A 83 7.37 6.16 -2.20
C GLY A 83 7.94 5.01 -1.39
N THR A 84 8.74 5.35 -0.38
CA THR A 84 9.38 4.33 0.45
C THR A 84 9.77 4.94 1.78
N GLU A 85 9.82 4.07 2.79
CA GLU A 85 10.51 4.35 4.04
C GLU A 85 11.66 3.36 4.25
N THR A 86 12.12 2.74 3.17
CA THR A 86 13.20 1.76 3.20
C THR A 86 14.26 2.26 2.21
N GLY A 87 14.59 3.54 2.33
CA GLY A 87 15.59 4.11 1.42
C GLY A 87 16.96 3.47 1.62
N ILE A 88 17.76 3.48 0.55
CA ILE A 88 19.07 2.85 0.60
C ILE A 88 20.21 3.81 0.36
N ASP A 89 19.93 5.10 0.22
CA ASP A 89 20.94 6.14 0.14
C ASP A 89 20.32 7.41 0.66
N HIS A 90 21.13 8.27 1.31
CA HIS A 90 20.61 9.55 1.75
C HIS A 90 20.34 10.49 0.60
N SER A 91 21.04 10.30 -0.52
CA SER A 91 21.05 11.23 -1.65
C SER A 91 20.45 10.64 -2.91
N LYS A 92 20.94 9.50 -3.31
CA LYS A 92 20.56 8.89 -4.57
C LYS A 92 19.24 8.18 -4.38
N PRO A 93 18.19 8.53 -5.11
CA PRO A 93 16.87 7.97 -4.82
C PRO A 93 16.70 6.60 -5.45
N VAL A 94 15.84 5.80 -4.81
CA VAL A 94 15.45 4.51 -5.41
C VAL A 94 14.97 4.73 -6.84
N ALA A 95 14.23 5.82 -7.08
CA ALA A 95 13.71 6.09 -8.42
C ALA A 95 14.82 6.16 -9.48
N SER A 96 15.99 6.69 -9.14
CA SER A 96 17.07 6.74 -10.13
C SER A 96 17.63 5.36 -10.44
N HIS A 97 17.76 4.51 -9.43
CA HIS A 97 18.16 3.13 -9.69
C HIS A 97 17.14 2.42 -10.57
N VAL A 98 15.85 2.58 -10.27
CA VAL A 98 14.81 1.93 -11.06
C VAL A 98 14.89 2.38 -12.52
N GLN A 99 15.07 3.69 -12.73
CA GLN A 99 15.22 4.23 -14.08
C GLN A 99 16.32 3.52 -14.83
N GLY A 100 17.49 3.38 -14.19
CA GLY A 100 18.60 2.71 -14.88
C GLY A 100 18.37 1.23 -15.11
N LEU A 101 17.83 0.53 -14.10
CA LEU A 101 17.63 -0.90 -14.27
C LEU A 101 16.65 -1.19 -15.39
N LEU A 102 15.61 -0.37 -15.51
CA LEU A 102 14.64 -0.53 -16.56
C LEU A 102 15.08 0.07 -17.89
N LYS A 103 16.23 0.71 -17.94
CA LYS A 103 16.72 1.35 -19.15
C LYS A 103 15.71 2.37 -19.69
N LEU A 104 15.10 3.12 -18.79
CA LEU A 104 14.17 4.13 -19.20
C LEU A 104 14.88 5.35 -19.78
N PRO A 105 14.22 6.07 -20.68
CA PRO A 105 14.80 7.29 -21.26
C PRO A 105 14.81 8.46 -20.27
N ARG A 106 15.25 9.62 -20.76
CA ARG A 106 15.69 10.70 -19.89
C ARG A 106 14.65 11.75 -19.58
N THR A 107 13.54 11.82 -20.32
CA THR A 107 12.63 12.97 -20.17
CA THR A 107 12.62 12.95 -20.19
C THR A 107 11.58 12.69 -19.10
N MET A 108 12.07 12.54 -17.88
CA MET A 108 11.19 12.36 -16.73
C MET A 108 11.82 12.92 -15.47
N ARG A 109 10.97 13.43 -14.59
CA ARG A 109 11.35 13.67 -13.20
C ARG A 109 11.57 12.34 -12.52
N THR A 110 12.60 12.26 -11.68
CA THR A 110 12.80 11.11 -10.80
C THR A 110 13.03 11.62 -9.38
N TYR A 111 12.36 11.01 -8.42
CA TYR A 111 12.61 11.30 -7.00
C TYR A 111 11.86 10.27 -6.16
N ASP A 112 12.22 10.25 -4.88
CA ASP A 112 11.51 9.48 -3.88
C ASP A 112 10.71 10.40 -2.97
N THR A 113 9.61 9.87 -2.45
CA THR A 113 8.80 10.56 -1.46
C THR A 113 8.80 9.78 -0.16
N GLN A 114 8.86 10.51 0.97
CA GLN A 114 9.02 9.90 2.29
C GLN A 114 8.03 10.49 3.28
N HIS A 115 7.16 9.64 3.79
CA HIS A 115 6.47 9.86 5.04
C HIS A 115 5.92 8.52 5.48
N ALA A 116 6.77 7.67 6.07
CA ALA A 116 6.36 6.36 6.53
C ALA A 116 5.46 5.68 5.50
N TYR A 118 2.72 6.66 4.20
CA TYR A 118 1.96 7.61 3.40
C TYR A 118 2.76 8.05 2.15
N GLY A 119 4.06 7.71 2.08
CA GLY A 119 4.89 8.23 1.01
C GLY A 119 4.40 7.88 -0.39
N GLY A 120 3.85 6.68 -0.58
CA GLY A 120 3.34 6.31 -1.89
C GLY A 120 2.18 7.21 -2.31
N THR A 121 1.22 7.40 -1.41
CA THR A 121 0.09 8.29 -1.69
C THR A 121 0.55 9.71 -1.99
N ALA A 122 1.54 10.22 -1.26
CA ALA A 122 2.07 11.55 -1.54
C ALA A 122 2.58 11.64 -2.98
N GLY A 123 3.33 10.63 -3.42
CA GLY A 123 3.80 10.59 -4.79
C GLY A 123 2.68 10.43 -5.80
N LEU A 124 1.70 9.59 -5.50
CA LEU A 124 0.53 9.46 -6.35
C LEU A 124 -0.14 10.82 -6.58
N MET A 125 -0.35 11.58 -5.50
CA MET A 125 -1.02 12.88 -5.67
C MET A 125 -0.15 13.84 -6.47
N ALA A 126 1.17 13.78 -6.28
CA ALA A 126 2.06 14.64 -7.07
C ALA A 126 1.93 14.30 -8.54
N ALA A 127 1.84 13.01 -8.87
CA ALA A 127 1.69 12.60 -10.27
C ALA A 127 0.33 12.96 -10.82
N VAL A 128 -0.73 12.71 -10.06
CA VAL A 128 -2.07 13.05 -10.51
C VAL A 128 -2.18 14.55 -10.76
N GLU A 129 -1.62 15.35 -9.86
CA GLU A 129 -1.80 16.79 -9.98
C GLU A 129 -0.86 17.37 -11.03
N TRP A 130 0.30 16.73 -11.26
CA TRP A 130 1.11 17.07 -12.45
C TRP A 130 0.27 16.92 -13.72
N ILE A 131 -0.44 15.82 -13.87
CA ILE A 131 -1.29 15.64 -15.04
C ILE A 131 -2.46 16.61 -15.03
N ALA A 132 -3.16 16.72 -13.90
CA ALA A 132 -4.37 17.53 -13.87
C ALA A 132 -4.11 19.01 -14.03
N SER A 133 -2.89 19.46 -13.69
CA SER A 133 -2.50 20.85 -13.92
C SER A 133 -2.36 21.18 -15.40
N GLY A 134 -2.29 20.16 -16.24
CA GLY A 134 -1.98 20.30 -17.64
C GLY A 134 -0.52 20.01 -17.95
N ALA A 135 0.35 20.08 -16.94
CA ALA A 135 1.78 19.91 -17.19
C ALA A 135 2.09 18.52 -17.73
N GLY A 136 1.38 17.51 -17.24
CA GLY A 136 1.55 16.13 -17.65
C GLY A 136 0.61 15.68 -18.76
N ALA A 137 -0.15 16.58 -19.35
CA ALA A 137 -1.08 16.19 -20.41
C ALA A 137 -0.32 15.48 -21.52
N GLY A 138 -0.87 14.36 -21.96
CA GLY A 138 -0.24 13.57 -23.01
C GLY A 138 0.78 12.56 -22.51
N LYS A 139 1.13 12.58 -21.24
CA LYS A 139 2.15 11.71 -20.68
C LYS A 139 1.56 10.90 -19.54
N VAL A 140 2.36 9.98 -19.00
CA VAL A 140 1.97 9.14 -17.87
C VAL A 140 3.05 9.25 -16.81
N ALA A 141 2.70 8.82 -15.60
CA ALA A 141 3.65 8.67 -14.53
C ALA A 141 3.64 7.24 -14.04
N VAL A 142 4.76 6.84 -13.45
CA VAL A 142 4.83 5.58 -12.71
C VAL A 142 5.21 5.93 -11.28
N VAL A 143 4.36 5.50 -10.34
CA VAL A 143 4.59 5.71 -8.92
C VAL A 143 4.70 4.34 -8.29
N VAL A 144 5.83 4.06 -7.68
CA VAL A 144 6.09 2.75 -7.10
C VAL A 144 6.14 2.89 -5.60
N CYS A 145 5.37 2.06 -4.92
CA CYS A 145 5.41 1.93 -3.47
C CYS A 145 6.24 0.70 -3.17
N SER A 146 7.39 0.88 -2.53
CA SER A 146 8.28 -0.25 -2.27
C SER A 146 8.83 -0.17 -0.86
N ASP A 147 8.75 -1.28 -0.13
CA ASP A 147 9.19 -1.25 1.26
C ASP A 147 9.43 -2.67 1.75
N ILE A 148 10.26 -2.75 2.79
CA ILE A 148 10.49 -3.99 3.54
C ILE A 148 10.30 -3.64 5.01
N ALA A 149 9.28 -4.22 5.62
CA ALA A 149 8.91 -3.92 7.00
C ALA A 149 9.66 -4.87 7.93
N ARG A 150 10.52 -4.29 8.77
CA ARG A 150 11.39 -5.05 9.66
C ARG A 150 11.28 -4.47 11.06
N TYR A 151 10.81 -5.29 11.98
CA TYR A 151 10.73 -4.95 13.40
C TYR A 151 11.76 -5.68 14.24
N GLY A 152 12.15 -6.88 13.85
CA GLY A 152 13.16 -7.62 14.55
C GLY A 152 12.67 -8.90 15.20
N LEU A 153 13.58 -9.86 15.36
CA LEU A 153 13.26 -11.10 16.06
C LEU A 153 12.81 -10.81 17.48
N ASN A 154 11.73 -11.48 17.89
CA ASN A 154 11.20 -11.43 19.26
C ASN A 154 10.63 -10.06 19.65
N THR A 155 10.17 -9.26 18.70
CA THR A 155 9.58 -7.95 18.96
C THR A 155 8.07 -8.00 18.74
N ALA A 156 7.37 -7.04 19.36
CA ALA A 156 5.91 -7.01 19.23
C ALA A 156 5.49 -6.86 17.78
N GLY A 157 6.25 -6.10 16.97
CA GLY A 157 5.88 -5.88 15.59
C GLY A 157 6.21 -7.01 14.64
N GLU A 158 6.99 -7.99 15.08
CA GLU A 158 7.48 -9.04 14.18
C GLU A 158 6.38 -9.72 13.37
N PRO A 159 5.23 -10.11 13.92
CA PRO A 159 4.21 -10.77 13.09
C PRO A 159 3.52 -9.85 12.10
N THR A 160 3.82 -8.55 12.09
CA THR A 160 3.27 -7.65 11.09
C THR A 160 4.31 -7.26 10.04
N GLN A 161 5.45 -7.96 9.97
CA GLN A 161 6.44 -7.72 8.94
C GLN A 161 5.91 -8.15 7.57
N GLY A 162 6.66 -7.78 6.54
CA GLY A 162 6.31 -8.06 5.17
C GLY A 162 7.22 -7.27 4.24
N GLY A 163 6.99 -7.43 2.95
CA GLY A 163 7.76 -6.67 1.96
C GLY A 163 7.20 -6.88 0.59
N GLY A 164 7.56 -5.99 -0.31
CA GLY A 164 7.05 -6.02 -1.66
C GLY A 164 6.98 -4.63 -2.25
N ALA A 165 6.38 -4.55 -3.43
CA ALA A 165 6.20 -3.28 -4.12
C ALA A 165 4.95 -3.34 -4.99
N VAL A 166 4.30 -2.19 -5.14
CA VAL A 166 3.19 -2.00 -6.06
C VAL A 166 3.55 -0.82 -6.94
N ALA A 167 3.58 -1.07 -8.25
CA ALA A 167 3.79 -0.02 -9.22
C ALA A 167 2.45 0.46 -9.80
N LEU A 168 2.21 1.76 -9.75
CA LEU A 168 1.00 2.39 -10.24
C LEU A 168 1.26 3.14 -11.53
N LEU A 169 0.47 2.88 -12.57
CA LEU A 169 0.48 3.70 -13.77
C LEU A 169 -0.55 4.80 -13.60
N VAL A 170 -0.13 6.05 -13.78
CA VAL A 170 -0.97 7.21 -13.55
C VAL A 170 -1.11 7.96 -14.86
N SER A 171 -2.35 8.29 -15.24
CA SER A 171 -2.57 8.85 -16.57
C SER A 171 -3.94 9.52 -16.67
N GLU A 172 -4.19 10.08 -17.85
CA GLU A 172 -5.48 10.61 -18.25
C GLU A 172 -6.45 9.52 -18.72
N GLN A 173 -6.03 8.26 -18.69
CA GLN A 173 -6.89 7.11 -18.97
CA GLN A 173 -6.88 7.10 -18.98
C GLN A 173 -6.94 6.25 -17.72
N PRO A 174 -7.55 6.75 -16.63
CA PRO A 174 -7.44 6.04 -15.34
C PRO A 174 -8.44 4.90 -15.21
N ASP A 175 -8.15 3.83 -15.91
CA ASP A 175 -9.06 2.69 -16.01
C ASP A 175 -9.35 2.05 -14.65
N LEU A 176 -8.38 2.02 -13.72
CA LEU A 176 -8.67 1.47 -12.39
C LEU A 176 -9.43 2.47 -11.52
N LEU A 177 -9.01 3.73 -11.49
CA LEU A 177 -9.57 4.67 -10.52
C LEU A 177 -9.41 6.11 -11.04
N ALA A 178 -10.54 6.68 -11.47
CA ALA A 178 -10.60 8.08 -11.91
C ALA A 178 -10.81 8.91 -10.65
N MET A 179 -9.76 9.57 -10.21
CA MET A 179 -9.75 10.20 -8.89
C MET A 179 -10.51 11.51 -8.90
N ASP A 180 -11.20 11.78 -7.79
CA ASP A 180 -11.92 13.04 -7.61
C ASP A 180 -10.92 14.09 -7.14
N VAL A 181 -10.39 14.82 -8.11
CA VAL A 181 -9.31 15.77 -7.85
C VAL A 181 -9.85 16.89 -6.99
N GLY A 182 -9.08 17.25 -5.97
CA GLY A 182 -9.43 18.36 -5.12
C GLY A 182 -10.38 18.04 -3.98
N LEU A 183 -10.90 16.82 -3.88
CA LEU A 183 -11.82 16.46 -2.81
C LEU A 183 -11.13 15.79 -1.63
N ASN A 184 -9.82 15.59 -1.67
CA ASN A 184 -9.17 14.84 -0.62
C ASN A 184 -9.33 15.53 0.73
N GLY A 185 -9.44 14.72 1.77
CA GLY A 185 -9.30 15.18 3.15
C GLY A 185 -7.96 14.75 3.68
N VAL A 186 -7.36 15.57 4.54
CA VAL A 186 -6.05 15.25 5.09
C VAL A 186 -5.99 15.66 6.56
N CYS A 187 -5.22 14.89 7.32
CA CYS A 187 -5.00 15.19 8.74
C CYS A 187 -3.61 14.71 9.13
N SER A 188 -2.78 15.63 9.59
CA SER A 188 -1.39 15.33 9.93
C SER A 188 -1.00 16.02 11.23
N MET A 189 -0.15 15.34 11.99
CA MET A 189 0.38 15.94 13.20
C MET A 189 1.65 15.20 13.59
N ASP A 190 2.54 15.91 14.27
CA ASP A 190 3.87 15.43 14.66
C ASP A 190 3.74 14.47 15.84
N VAL A 191 4.02 13.20 15.60
CA VAL A 191 3.96 12.18 16.65
C VAL A 191 5.12 11.21 16.51
N TYR A 192 5.41 10.52 17.62
CA TYR A 192 6.36 9.42 17.64
C TYR A 192 5.66 8.10 17.88
N ASP A 193 4.80 7.69 16.95
CA ASP A 193 4.14 6.41 17.08
C ASP A 193 5.01 5.28 16.52
N PHE A 194 5.75 5.55 15.44
CA PHE A 194 6.65 4.61 14.79
C PHE A 194 7.71 5.46 14.14
N TRP A 195 8.96 5.03 14.21
CA TRP A 195 10.03 5.73 13.51
C TRP A 195 11.21 4.78 13.40
N ARG A 196 12.20 5.18 12.60
CA ARG A 196 13.37 4.32 12.39
C ARG A 196 14.59 5.21 12.14
N PRO A 197 15.35 5.52 13.19
CA PRO A 197 16.52 6.40 13.03
C PRO A 197 17.50 5.87 12.00
N VAL A 198 18.22 6.82 11.40
CA VAL A 198 19.18 6.49 10.35
C VAL A 198 20.15 5.42 10.83
N GLY A 199 20.33 4.41 9.99
CA GLY A 199 21.25 3.35 10.30
C GLY A 199 20.68 2.24 11.15
N ARG A 200 19.54 2.47 11.81
CA ARG A 200 18.88 1.41 12.56
C ARG A 200 18.09 0.56 11.57
N ARG A 201 18.37 -0.73 11.51
CA ARG A 201 17.70 -1.58 10.54
C ARG A 201 16.27 -1.88 10.93
N GLU A 202 15.98 -1.88 12.22
CA GLU A 202 14.66 -2.26 12.73
CA GLU A 202 14.65 -2.27 12.73
C GLU A 202 13.93 -1.05 13.29
N ALA A 203 12.62 -1.04 13.10
CA ALA A 203 11.80 0.08 13.52
C ALA A 203 11.62 0.13 15.03
N LEU A 204 11.33 1.32 15.50
CA LEU A 204 10.86 1.59 16.86
C LEU A 204 9.38 1.90 16.77
N VAL A 205 8.58 1.32 17.68
CA VAL A 205 7.14 1.51 17.59
C VAL A 205 6.50 1.37 18.96
N ASP A 206 5.51 2.19 19.19
CA ASP A 206 4.56 2.03 20.29
C ASP A 206 3.25 1.62 19.61
N GLY A 207 3.04 0.30 19.50
CA GLY A 207 2.04 -0.19 18.58
C GLY A 207 0.63 0.25 18.92
N HIS A 208 0.27 0.23 20.20
CA HIS A 208 -1.09 0.61 20.56
CA HIS A 208 -1.09 0.61 20.52
C HIS A 208 -1.31 2.11 20.37
N TYR A 209 -0.29 2.92 20.67
CA TYR A 209 -0.40 4.34 20.37
C TYR A 209 -0.50 4.58 18.87
N SER A 210 0.20 3.77 18.06
CA SER A 210 0.11 3.93 16.62
CA SER A 210 0.11 3.93 16.62
C SER A 210 -1.31 3.65 16.12
N ILE A 211 -1.99 2.66 16.73
CA ILE A 211 -3.40 2.43 16.37
C ILE A 211 -4.26 3.66 16.68
N THR A 212 -4.07 4.25 17.85
CA THR A 212 -4.84 5.45 18.19
C THR A 212 -4.54 6.59 17.23
N CYS A 213 -3.27 6.76 16.84
CA CYS A 213 -2.93 7.83 15.91
C CYS A 213 -3.55 7.57 14.55
N TYR A 214 -3.46 6.34 14.07
CA TYR A 214 -4.12 5.96 12.83
C TYR A 214 -5.59 6.33 12.83
N LEU A 215 -6.31 5.94 13.90
CA LEU A 215 -7.74 6.17 13.94
C LEU A 215 -8.06 7.67 14.09
N GLU A 216 -7.23 8.40 14.84
CA GLU A 216 -7.42 9.84 14.98
C GLU A 216 -7.22 10.54 13.64
N ALA A 217 -6.12 10.23 12.95
CA ALA A 217 -5.85 10.86 11.66
C ALA A 217 -6.88 10.45 10.61
N LEU A 218 -7.28 9.19 10.60
CA LEU A 218 -8.36 8.74 9.71
C LEU A 218 -9.59 9.60 9.90
N SER A 219 -9.98 9.84 11.16
CA SER A 219 -11.20 10.59 11.42
C SER A 219 -11.14 11.99 10.81
N GLY A 220 -10.01 12.67 11.01
CA GLY A 220 -9.87 14.00 10.44
C GLY A 220 -9.84 13.98 8.93
N ALA A 221 -9.13 13.02 8.34
CA ALA A 221 -9.02 12.97 6.89
C ALA A 221 -10.35 12.63 6.27
N TYR A 222 -11.03 11.63 6.83
CA TYR A 222 -12.35 11.25 6.33
C TYR A 222 -13.33 12.42 6.44
N ARG A 223 -13.39 13.09 7.58
CA ARG A 223 -14.30 14.22 7.71
C ARG A 223 -14.00 15.32 6.70
N GLY A 224 -12.73 15.55 6.40
CA GLY A 224 -12.40 16.57 5.42
C GLY A 224 -12.87 16.21 4.02
N TRP A 225 -12.70 14.95 3.66
CA TRP A 225 -13.24 14.49 2.37
C TRP A 225 -14.75 14.59 2.35
N ARG A 226 -15.38 14.12 3.43
CA ARG A 226 -16.84 14.08 3.46
C ARG A 226 -17.43 15.47 3.27
N GLU A 227 -16.85 16.50 3.91
CA GLU A 227 -17.40 17.84 3.75
C GLU A 227 -17.37 18.25 2.28
N LYS A 228 -16.28 17.95 1.59
CA LYS A 228 -16.15 18.33 0.19
C LYS A 228 -17.05 17.49 -0.70
N ALA A 229 -17.16 16.20 -0.39
CA ALA A 229 -18.05 15.32 -1.16
C ALA A 229 -19.51 15.71 -1.01
N LEU A 230 -19.91 16.12 0.21
CA LEU A 230 -21.26 16.63 0.42
C LEU A 230 -21.49 17.87 -0.43
N ALA A 231 -20.54 18.79 -0.42
CA ALA A 231 -20.73 20.01 -1.17
C ALA A 231 -20.77 19.76 -2.68
N ALA A 232 -20.04 18.76 -3.14
CA ALA A 232 -20.02 18.36 -4.54
C ALA A 232 -21.20 17.50 -4.94
N GLY A 233 -22.04 17.11 -3.98
CA GLY A 233 -23.20 16.29 -4.30
C GLY A 233 -22.91 14.82 -4.48
N LEU A 234 -21.74 14.36 -4.09
CA LEU A 234 -21.42 12.96 -4.32
C LEU A 234 -22.02 12.03 -3.28
N VAL A 235 -22.21 12.54 -2.05
CA VAL A 235 -22.88 11.82 -0.99
C VAL A 235 -23.82 12.82 -0.32
N ARG A 236 -24.78 12.28 0.43
CA ARG A 236 -25.78 13.10 1.12
C ARG A 236 -25.98 12.52 2.52
N TRP A 237 -26.42 13.36 3.44
CA TRP A 237 -26.96 12.88 4.71
C TRP A 237 -28.39 12.45 4.42
N SER A 238 -28.63 11.15 4.27
CA SER A 238 -29.96 10.67 3.92
C SER A 238 -30.26 9.55 4.91
N ASP A 239 -31.14 8.62 4.52
CA ASP A 239 -31.32 7.45 5.35
C ASP A 239 -30.06 6.61 5.41
N ALA A 240 -29.20 6.76 4.41
CA ALA A 240 -27.87 6.15 4.42
C ALA A 240 -26.86 7.14 4.96
N LEU A 241 -25.97 6.64 5.81
CA LEU A 241 -24.82 7.44 6.22
C LEU A 241 -24.00 7.82 4.98
N PRO A 242 -23.35 8.99 5.02
CA PRO A 242 -22.52 9.40 3.87
C PRO A 242 -21.55 8.33 3.43
N GLY A 243 -20.81 7.73 4.37
CA GLY A 243 -19.80 6.72 4.03
C GLY A 243 -20.39 5.45 3.43
N GLU A 244 -21.65 5.14 3.74
CA GLU A 244 -22.31 3.96 3.18
C GLU A 244 -22.57 4.11 1.69
N GLN A 245 -22.51 5.33 1.17
CA GLN A 245 -22.77 5.58 -0.24
C GLN A 245 -21.56 5.33 -1.12
N LEU A 246 -20.39 5.13 -0.54
CA LEU A 246 -19.24 4.60 -1.27
C LEU A 246 -19.45 3.11 -1.47
N ALA A 247 -19.15 2.62 -2.67
CA ALA A 247 -19.41 1.21 -2.91
C ALA A 247 -18.50 0.34 -2.06
N ARG A 248 -17.23 0.75 -1.93
CA ARG A 248 -16.21 0.04 -1.17
C ARG A 248 -15.34 1.10 -0.54
N ILE A 249 -14.64 0.71 0.53
CA ILE A 249 -13.60 1.56 1.11
C ILE A 249 -12.39 0.68 1.35
N ALA A 250 -11.25 1.11 0.85
CA ALA A 250 -9.98 0.42 1.05
C ALA A 250 -9.14 1.22 2.04
N TYR A 251 -8.49 0.51 2.95
CA TYR A 251 -7.76 1.12 4.04
C TYR A 251 -6.31 0.64 4.05
N HIS A 252 -5.41 1.53 4.46
CA HIS A 252 -4.07 1.08 4.82
C HIS A 252 -4.14 -0.05 5.84
N VAL A 253 -3.41 -1.13 5.56
CA VAL A 253 -3.47 -2.42 6.27
C VAL A 253 -2.11 -2.75 6.88
N PRO A 254 -1.73 -2.23 8.02
CA PRO A 254 -0.52 -2.73 8.72
C PRO A 254 -0.67 -4.18 9.16
N PHE A 255 -1.89 -4.57 9.51
CA PHE A 255 -2.30 -5.94 9.75
C PHE A 255 -3.77 -5.97 9.39
N CYS A 256 -4.27 -7.13 8.99
CA CYS A 256 -5.57 -7.16 8.31
C CYS A 256 -6.71 -6.75 9.22
N LYS A 257 -6.65 -7.08 10.50
CA LYS A 257 -7.72 -6.68 11.42
C LYS A 257 -7.79 -5.16 11.61
N MET A 258 -6.76 -4.41 11.18
CA MET A 258 -6.85 -2.96 11.24
C MET A 258 -7.96 -2.42 10.34
N ALA A 259 -8.30 -3.14 9.26
CA ALA A 259 -9.34 -2.62 8.37
C ALA A 259 -10.70 -2.60 9.06
N ARG A 260 -10.96 -3.59 9.90
CA ARG A 260 -12.22 -3.59 10.64
CA ARG A 260 -12.21 -3.60 10.65
C ARG A 260 -12.24 -2.45 11.65
N LYS A 261 -11.13 -2.21 12.33
CA LYS A 261 -11.06 -1.08 13.26
C LYS A 261 -11.27 0.24 12.53
N ALA A 262 -10.63 0.39 11.37
CA ALA A 262 -10.71 1.62 10.61
C ALA A 262 -12.13 1.86 10.12
N HIS A 263 -12.78 0.80 9.62
CA HIS A 263 -14.14 0.98 9.08
C HIS A 263 -15.12 1.32 10.19
N THR A 264 -14.96 0.70 11.35
CA THR A 264 -15.80 1.04 12.49
C THR A 264 -15.60 2.50 12.85
N GLN A 265 -14.35 2.97 12.85
CA GLN A 265 -14.10 4.38 13.19
C GLN A 265 -14.71 5.32 12.15
N LEU A 266 -14.57 5.00 10.86
CA LEU A 266 -15.15 5.85 9.83
C LEU A 266 -16.66 5.96 10.02
N ARG A 267 -17.31 4.82 10.28
CA ARG A 267 -18.75 4.84 10.50
C ARG A 267 -19.11 5.64 11.75
N LEU A 268 -18.31 5.52 12.81
CA LEU A 268 -18.55 6.33 14.00
C LEU A 268 -18.46 7.81 13.70
N CYS A 269 -17.55 8.22 12.81
CA CYS A 269 -17.50 9.62 12.44
C CYS A 269 -18.84 10.10 11.89
N ASP A 270 -19.46 9.30 11.01
CA ASP A 270 -20.78 9.64 10.49
C ASP A 270 -21.82 9.65 11.60
N LEU A 271 -21.82 8.63 12.44
CA LEU A 271 -22.85 8.50 13.50
C LEU A 271 -22.73 9.61 14.55
N GLU A 272 -21.50 10.01 14.89
CA GLU A 272 -21.30 11.07 15.88
C GLU A 272 -21.62 12.44 15.32
N ASP A 273 -21.48 12.62 14.01
CA ASP A 273 -21.62 13.93 13.37
C ASP A 273 -23.02 14.18 12.82
N ALA A 274 -23.84 13.15 12.78
CA ALA A 274 -25.16 13.29 12.23
C ALA A 274 -25.93 14.33 13.02
N ALA A 275 -26.78 15.08 12.33
CA ALA A 275 -27.55 16.11 12.99
C ALA A 275 -28.39 15.54 14.14
N ASP A 276 -28.75 14.25 14.09
CA ASP A 276 -29.54 13.61 15.15
C ASP A 276 -28.69 12.76 16.10
N ALA A 277 -27.38 13.00 16.17
CA ALA A 277 -26.54 12.21 17.06
C ALA A 277 -26.98 12.29 18.52
N ALA A 278 -27.57 13.41 18.94
CA ALA A 278 -27.94 13.54 20.35
C ALA A 278 -28.95 12.51 20.78
N ALA A 279 -29.70 11.92 19.84
CA ALA A 279 -30.69 10.89 20.15
C ALA A 279 -30.08 9.50 20.36
N SER A 280 -28.79 9.33 20.15
CA SER A 280 -28.13 8.04 20.26
C SER A 280 -27.24 8.02 21.50
N THR A 281 -26.69 6.84 21.79
CA THR A 281 -25.76 6.62 22.88
C THR A 281 -24.45 6.06 22.34
N PRO A 282 -23.36 6.16 23.09
CA PRO A 282 -22.13 5.48 22.66
C PRO A 282 -22.36 4.01 22.36
N GLU A 283 -23.13 3.31 23.19
CA GLU A 283 -23.40 1.89 22.95
C GLU A 283 -24.13 1.67 21.63
N SER A 284 -25.18 2.45 21.35
CA SER A 284 -25.94 2.25 20.12
C SER A 284 -25.13 2.66 18.90
N ARG A 285 -24.32 3.71 19.03
CA ARG A 285 -23.50 4.13 17.90
C ARG A 285 -22.42 3.09 17.61
N GLU A 286 -21.80 2.53 18.66
CA GLU A 286 -20.76 1.53 18.43
C GLU A 286 -21.33 0.28 17.80
N ALA A 287 -22.50 -0.15 18.25
CA ALA A 287 -23.07 -1.36 17.69
C ALA A 287 -23.38 -1.17 16.22
N GLN A 288 -23.91 0.01 15.85
CA GLN A 288 -24.17 0.29 14.45
C GLN A 288 -22.88 0.42 13.67
N ALA A 289 -21.90 1.13 14.24
CA ALA A 289 -20.63 1.36 13.54
C ALA A 289 -19.94 0.04 13.20
N LYS A 290 -20.02 -0.92 14.12
CA LYS A 290 -19.37 -2.23 13.97
C LYS A 290 -20.12 -3.19 13.03
N SER A 291 -21.24 -2.75 12.45
CA SER A 291 -22.04 -3.54 11.52
C SER A 291 -21.22 -4.52 10.68
N ALA A 292 -21.46 -5.82 10.91
CA ALA A 292 -20.82 -6.81 10.07
C ALA A 292 -21.26 -6.67 8.63
N ALA A 293 -22.54 -6.33 8.41
CA ALA A 293 -23.04 -6.19 7.04
C ALA A 293 -22.29 -5.10 6.29
N SER A 294 -21.98 -3.99 6.96
CA SER A 294 -21.27 -2.91 6.25
C SER A 294 -19.84 -3.32 5.95
N TYR A 295 -19.15 -3.89 6.93
CA TYR A 295 -17.81 -4.37 6.70
C TYR A 295 -17.79 -5.38 5.55
N ASP A 296 -18.71 -6.32 5.56
CA ASP A 296 -18.73 -7.32 4.50
C ASP A 296 -18.99 -6.70 3.13
N ALA A 297 -19.88 -5.71 3.07
CA ALA A 297 -20.27 -5.08 1.83
C ALA A 297 -19.18 -4.17 1.27
N GLN A 298 -18.45 -3.48 2.16
CA GLN A 298 -17.55 -2.42 1.71
C GLN A 298 -16.06 -2.75 1.82
N VAL A 299 -15.65 -3.72 2.62
CA VAL A 299 -14.23 -3.82 3.02
C VAL A 299 -13.66 -5.23 2.93
N ALA A 300 -14.48 -6.26 3.20
CA ALA A 300 -13.94 -7.58 3.50
C ALA A 300 -13.10 -8.16 2.35
N THR A 301 -13.48 -7.91 1.11
CA THR A 301 -12.81 -8.55 0.00
C THR A 301 -11.53 -7.85 -0.41
N SER A 302 -11.09 -6.82 0.34
CA SER A 302 -9.88 -6.09 -0.01
C SER A 302 -8.61 -6.65 0.63
N LEU A 303 -8.68 -7.75 1.38
CA LEU A 303 -7.58 -8.15 2.23
C LEU A 303 -6.87 -9.44 1.80
N GLY A 304 -7.25 -9.99 0.64
CA GLY A 304 -6.70 -11.28 0.22
C GLY A 304 -5.21 -11.25 0.00
N LEU A 305 -4.70 -10.21 -0.64
CA LEU A 305 -3.26 -10.15 -0.86
C LEU A 305 -2.53 -9.77 0.42
N ASN A 306 -3.02 -8.75 1.13
CA ASN A 306 -2.36 -8.32 2.35
C ASN A 306 -2.17 -9.46 3.35
N SER A 307 -3.18 -10.33 3.51
CA SER A 307 -3.10 -11.41 4.49
C SER A 307 -2.04 -12.43 4.15
N ARG A 308 -1.57 -12.46 2.90
CA ARG A 308 -0.57 -13.40 2.42
CA ARG A 308 -0.57 -13.40 2.43
C ARG A 308 0.81 -12.78 2.29
N ILE A 309 0.96 -11.50 2.59
CA ILE A 309 2.21 -10.77 2.41
C ILE A 309 2.67 -10.12 3.71
N GLY A 310 1.77 -9.42 4.39
CA GLY A 310 2.14 -8.68 5.59
C GLY A 310 2.10 -7.19 5.33
N ASN A 311 2.71 -6.43 6.26
CA ASN A 311 2.77 -4.99 6.09
C ASN A 311 3.84 -4.68 5.05
N VAL A 312 3.47 -3.88 4.04
CA VAL A 312 4.40 -3.40 3.03
C VAL A 312 4.40 -1.88 3.04
N TYR A 313 4.15 -1.30 4.22
CA TYR A 313 4.21 0.13 4.47
C TYR A 313 3.55 0.91 3.35
N THR A 314 4.30 1.66 2.52
CA THR A 314 3.67 2.52 1.52
C THR A 314 2.74 1.74 0.57
N ALA A 315 3.00 0.45 0.36
CA ALA A 315 2.26 -0.32 -0.62
C ALA A 315 0.99 -0.96 -0.05
N SER A 316 0.80 -0.96 1.27
CA SER A 316 -0.29 -1.75 1.86
CA SER A 316 -0.29 -1.74 1.86
C SER A 316 -1.67 -1.33 1.33
N LEU A 317 -1.96 -0.03 1.30
CA LEU A 317 -3.25 0.42 0.79
C LEU A 317 -3.42 -0.02 -0.65
N TYR A 318 -2.33 0.02 -1.42
CA TYR A 318 -2.45 -0.28 -2.84
C TYR A 318 -2.52 -1.78 -3.11
N LEU A 319 -2.02 -2.61 -2.19
CA LEU A 319 -2.29 -4.04 -2.23
C LEU A 319 -3.74 -4.35 -1.89
N ALA A 320 -4.35 -3.53 -1.03
CA ALA A 320 -5.77 -3.67 -0.72
C ALA A 320 -6.62 -3.29 -1.93
N LEU A 321 -6.29 -2.15 -2.55
CA LEU A 321 -6.94 -1.79 -3.81
C LEU A 321 -6.79 -2.89 -4.85
N ALA A 322 -5.57 -3.43 -4.97
CA ALA A 322 -5.34 -4.49 -5.95
C ALA A 322 -6.20 -5.70 -5.69
N GLY A 323 -6.27 -6.15 -4.43
CA GLY A 323 -7.05 -7.34 -4.12
C GLY A 323 -8.53 -7.11 -4.38
N LEU A 324 -9.02 -5.91 -4.02
CA LEU A 324 -10.41 -5.57 -4.30
C LEU A 324 -10.69 -5.65 -5.80
N LEU A 325 -9.89 -4.95 -6.59
CA LEU A 325 -10.18 -4.90 -8.02
C LEU A 325 -9.87 -6.22 -8.71
N GLN A 326 -8.94 -6.99 -8.16
CA GLN A 326 -8.60 -8.28 -8.74
C GLN A 326 -9.85 -9.10 -8.99
N HIS A 327 -10.79 -9.03 -8.05
CA HIS A 327 -12.00 -9.82 -8.13
C HIS A 327 -13.27 -9.05 -8.46
N GLU A 328 -13.33 -7.75 -8.23
CA GLU A 328 -14.58 -7.02 -8.34
C GLU A 328 -14.54 -5.86 -9.31
N ALA A 329 -13.49 -5.72 -10.13
CA ALA A 329 -13.40 -4.55 -11.00
C ALA A 329 -14.59 -4.40 -11.93
N GLY A 330 -15.08 -5.49 -12.52
CA GLY A 330 -16.22 -5.36 -13.41
C GLY A 330 -17.46 -4.88 -12.71
N ALA A 331 -17.74 -5.49 -11.54
CA ALA A 331 -18.88 -5.08 -10.72
C ALA A 331 -18.79 -3.62 -10.32
N LEU A 332 -17.57 -3.14 -10.07
CA LEU A 332 -17.36 -1.79 -9.56
C LEU A 332 -17.29 -0.74 -10.65
N ALA A 333 -17.22 -1.11 -11.92
CA ALA A 333 -17.13 -0.11 -12.96
C ALA A 333 -18.30 0.86 -12.83
N GLY A 334 -17.97 2.15 -12.89
CA GLY A 334 -18.94 3.21 -12.75
C GLY A 334 -19.26 3.60 -11.33
N GLN A 335 -18.73 2.89 -10.34
CA GLN A 335 -19.03 3.16 -8.93
C GLN A 335 -17.87 3.87 -8.27
N ARG A 336 -18.20 4.68 -7.29
CA ARG A 336 -17.22 5.45 -6.54
C ARG A 336 -16.82 4.68 -5.30
N ILE A 337 -15.52 4.63 -5.04
CA ILE A 337 -14.97 3.99 -3.86
C ILE A 337 -14.12 5.01 -3.13
N GLY A 338 -13.87 4.72 -1.84
CA GLY A 338 -13.00 5.52 -0.99
C GLY A 338 -11.71 4.80 -0.62
N LEU A 339 -10.67 5.58 -0.32
CA LEU A 339 -9.36 5.08 0.03
C LEU A 339 -8.80 5.92 1.17
N LEU A 340 -8.27 5.23 2.18
CA LEU A 340 -7.66 5.86 3.34
C LEU A 340 -6.21 5.44 3.41
N SER A 341 -5.31 6.41 3.24
CA SER A 341 -3.89 6.24 3.40
C SER A 341 -3.47 6.80 4.76
N TYR A 342 -2.61 6.07 5.46
CA TYR A 342 -2.02 6.53 6.71
C TYR A 342 -0.54 6.26 6.68
N GLY A 343 0.23 7.16 7.27
CA GLY A 343 1.62 6.90 7.58
C GLY A 343 1.93 7.39 8.99
N SER A 344 2.72 6.61 9.72
CA SER A 344 3.15 7.02 11.04
CA SER A 344 3.14 7.03 11.04
C SER A 344 3.96 8.31 10.97
N GLY A 345 3.99 9.04 12.07
CA GLY A 345 4.77 10.27 12.08
C GLY A 345 4.09 11.62 12.25
N CYS A 346 2.87 11.87 11.76
CA CYS A 346 1.96 11.03 11.01
C CYS A 346 1.16 11.89 10.04
N ALA A 347 0.48 11.21 9.12
CA ALA A 347 -0.41 11.86 8.17
C ALA A 347 -1.39 10.82 7.66
N ALA A 348 -2.62 11.26 7.46
CA ALA A 348 -3.63 10.46 6.75
C ALA A 348 -4.25 11.31 5.65
N GLU A 349 -4.65 10.64 4.58
CA GLU A 349 -5.35 11.28 3.47
C GLU A 349 -6.44 10.35 3.01
N PHE A 350 -7.66 10.88 2.90
CA PHE A 350 -8.82 10.13 2.43
C PHE A 350 -9.24 10.69 1.08
N TYR A 351 -9.38 9.83 0.10
CA TYR A 351 -9.75 10.28 -1.22
C TYR A 351 -10.70 9.29 -1.87
N SER A 352 -11.27 9.70 -3.00
CA SER A 352 -12.24 8.87 -3.69
C SER A 352 -11.99 8.90 -5.18
N GLY A 353 -12.58 7.94 -5.85
CA GLY A 353 -12.55 7.91 -7.30
C GLY A 353 -13.53 6.88 -7.81
N THR A 354 -13.70 6.88 -9.13
CA THR A 354 -14.65 5.99 -9.79
C THR A 354 -13.90 4.93 -10.57
N VAL A 355 -14.29 3.68 -10.35
CA VAL A 355 -13.65 2.58 -11.07
C VAL A 355 -14.08 2.61 -12.53
N GLY A 356 -13.13 2.33 -13.43
CA GLY A 356 -13.37 2.45 -14.85
C GLY A 356 -13.96 1.22 -15.48
N GLU A 357 -14.57 1.43 -16.64
CA GLU A 357 -15.12 0.32 -17.42
C GLU A 357 -14.07 -0.71 -17.79
N LYS A 358 -12.83 -0.29 -18.04
CA LYS A 358 -11.75 -1.21 -18.42
C LYS A 358 -10.95 -1.72 -17.25
N ALA A 359 -11.36 -1.46 -16.00
CA ALA A 359 -10.56 -1.89 -14.86
C ALA A 359 -10.35 -3.40 -14.86
N ALA A 360 -11.38 -4.18 -15.19
CA ALA A 360 -11.20 -5.62 -15.14
C ALA A 360 -10.13 -6.08 -16.14
N GLU A 361 -10.11 -5.48 -17.33
CA GLU A 361 -9.06 -5.78 -18.31
C GLU A 361 -7.68 -5.52 -17.74
N ARG A 362 -7.48 -4.33 -17.16
CA ARG A 362 -6.17 -3.97 -16.65
C ARG A 362 -5.75 -4.91 -15.52
N MET A 363 -6.71 -5.30 -14.66
CA MET A 363 -6.41 -6.23 -13.57
C MET A 363 -6.11 -7.61 -14.10
N ALA A 364 -6.80 -8.05 -15.15
CA ALA A 364 -6.49 -9.36 -15.69
C ALA A 364 -5.04 -9.40 -16.15
N LYS A 365 -4.58 -8.33 -16.78
CA LYS A 365 -3.22 -8.27 -17.27
C LYS A 365 -2.19 -8.24 -16.13
N ALA A 366 -2.59 -7.85 -14.92
CA ALA A 366 -1.66 -7.83 -13.79
C ALA A 366 -1.38 -9.25 -13.28
N ASP A 367 -2.24 -10.22 -13.60
CA ASP A 367 -1.96 -11.63 -13.37
C ASP A 367 -1.47 -11.89 -11.95
N LEU A 368 -2.26 -11.41 -10.97
CA LEU A 368 -1.77 -11.37 -9.60
C LEU A 368 -1.69 -12.74 -8.95
N GLU A 369 -2.55 -13.69 -9.33
CA GLU A 369 -2.39 -15.02 -8.71
C GLU A 369 -1.07 -15.65 -9.12
N ALA A 370 -0.59 -15.37 -10.32
CA ALA A 370 0.71 -15.89 -10.75
C ALA A 370 1.83 -15.25 -9.95
N VAL A 371 1.74 -13.95 -9.68
CA VAL A 371 2.75 -13.29 -8.86
C VAL A 371 2.84 -13.98 -7.50
N LEU A 372 1.69 -14.25 -6.90
CA LEU A 372 1.71 -14.85 -5.56
C LEU A 372 2.14 -16.30 -5.61
N ALA A 373 1.85 -17.00 -6.71
CA ALA A 373 2.15 -18.41 -6.79
C ALA A 373 3.63 -18.70 -6.96
N ARG A 374 4.44 -17.72 -7.42
CA ARG A 374 5.86 -18.00 -7.66
C ARG A 374 6.67 -18.17 -6.36
N ARG A 375 6.11 -17.81 -5.23
CA ARG A 375 6.83 -17.81 -3.95
C ARG A 375 7.06 -19.21 -3.43
N GLU A 376 8.00 -19.32 -2.48
CA GLU A 376 8.29 -20.55 -1.77
C GLU A 376 8.21 -20.32 -0.26
N ARG A 377 7.67 -21.30 0.45
CA ARG A 377 7.66 -21.26 1.91
C ARG A 377 9.02 -21.68 2.45
N VAL A 378 9.45 -21.02 3.54
CA VAL A 378 10.66 -21.40 4.27
C VAL A 378 10.34 -21.54 5.76
N SER A 379 11.29 -22.13 6.50
CA SER A 379 11.18 -22.29 7.95
C SER A 379 11.43 -20.98 8.68
N ILE A 380 11.01 -20.94 9.94
CA ILE A 380 11.34 -19.81 10.79
C ILE A 380 12.84 -19.76 10.98
N GLU A 381 13.48 -20.93 11.12
CA GLU A 381 14.93 -21.02 11.23
C GLU A 381 15.61 -20.32 10.05
N GLU A 382 15.12 -20.56 8.85
CA GLU A 382 15.73 -19.96 7.66
C GLU A 382 15.41 -18.47 7.59
N TYR A 383 14.18 -18.08 7.93
CA TYR A 383 13.85 -16.67 8.03
C TYR A 383 14.79 -15.94 8.98
N GLU A 384 15.07 -16.55 10.15
CA GLU A 384 15.98 -15.96 11.11
C GLU A 384 17.40 -15.85 10.55
N ARG A 385 17.85 -16.89 9.86
CA ARG A 385 19.18 -16.86 9.24
C ARG A 385 19.29 -15.69 8.25
N LEU A 386 18.25 -15.52 7.44
CA LEU A 386 18.27 -14.45 6.44
C LEU A 386 18.19 -13.08 7.11
N MET A 387 17.41 -12.96 8.19
CA MET A 387 17.34 -11.72 8.96
C MET A 387 18.69 -11.31 9.51
N LYS A 388 19.50 -12.28 9.89
CA LYS A 388 20.80 -11.99 10.47
C LYS A 388 21.85 -11.64 9.41
N LEU A 389 21.54 -11.80 8.12
CA LEU A 389 22.49 -11.39 7.11
C LEU A 389 22.61 -9.87 7.09
N PRO A 390 23.81 -9.34 6.95
CA PRO A 390 23.96 -7.90 6.71
C PRO A 390 23.32 -7.50 5.39
N ALA A 391 23.00 -6.20 5.32
CA ALA A 391 22.30 -5.68 4.16
C ALA A 391 23.13 -5.77 2.90
N ASP A 392 24.44 -5.95 3.02
CA ASP A 392 25.31 -6.06 1.86
C ASP A 392 25.67 -7.50 1.52
N ALA A 393 24.89 -8.48 1.96
CA ALA A 393 25.22 -9.90 1.76
C ALA A 393 24.06 -10.64 1.12
N PRO A 394 23.68 -10.27 -0.12
CA PRO A 394 22.62 -11.02 -0.82
C PRO A 394 22.96 -12.49 -0.97
N GLU A 395 21.92 -13.31 -0.94
CA GLU A 395 22.08 -14.73 -1.23
C GLU A 395 22.43 -14.94 -2.69
N ALA A 396 23.16 -16.04 -2.95
CA ALA A 396 23.64 -16.34 -4.29
C ALA A 396 22.56 -17.10 -5.05
N VAL A 397 21.62 -16.34 -5.57
CA VAL A 397 20.35 -16.83 -6.07
C VAL A 397 19.97 -15.96 -7.29
N ALA A 398 19.49 -16.58 -8.37
CA ALA A 398 19.15 -15.81 -9.55
C ALA A 398 17.79 -15.14 -9.40
N PRO A 399 17.56 -13.98 -10.02
CA PRO A 399 16.20 -13.44 -10.07
C PRO A 399 15.34 -14.23 -11.05
N SER A 400 14.04 -14.22 -10.79
CA SER A 400 13.09 -14.77 -11.74
CA SER A 400 13.09 -14.77 -11.74
C SER A 400 13.12 -13.96 -13.04
N PRO A 401 12.56 -14.50 -14.12
CA PRO A 401 12.67 -13.80 -15.41
C PRO A 401 12.07 -12.40 -15.33
N GLY A 402 12.84 -11.42 -15.78
CA GLY A 402 12.39 -10.05 -15.79
C GLY A 402 12.43 -9.35 -14.46
N ALA A 403 12.77 -10.06 -13.40
CA ALA A 403 12.90 -9.48 -12.07
C ALA A 403 14.35 -9.12 -11.80
N PHE A 404 14.57 -8.47 -10.67
CA PHE A 404 15.86 -7.91 -10.29
C PHE A 404 16.23 -8.36 -8.87
N ARG A 405 17.56 -8.44 -8.65
CA ARG A 405 18.13 -8.63 -7.32
C ARG A 405 19.38 -7.78 -7.19
N LEU A 406 19.61 -7.27 -5.98
CA LEU A 406 20.93 -6.78 -5.60
C LEU A 406 21.89 -7.97 -5.56
N THR A 407 23.07 -7.81 -6.17
CA THR A 407 24.04 -8.90 -6.17
C THR A 407 25.20 -8.67 -5.23
N GLU A 408 25.64 -7.43 -5.07
CA GLU A 408 26.78 -7.09 -4.25
C GLU A 408 26.85 -5.59 -4.16
N ILE A 409 27.64 -5.11 -3.22
CA ILE A 409 28.04 -3.72 -3.14
C ILE A 409 29.56 -3.71 -3.31
N ARG A 410 30.03 -2.97 -4.30
CA ARG A 410 31.44 -2.97 -4.66
C ARG A 410 31.87 -1.52 -4.70
N ASP A 411 32.86 -1.16 -3.89
CA ASP A 411 33.34 0.22 -3.85
C ASP A 411 32.18 1.16 -3.57
N HIS A 412 31.29 0.74 -2.66
CA HIS A 412 30.09 1.47 -2.23
C HIS A 412 29.04 1.62 -3.31
N ARG A 413 29.19 0.97 -4.46
CA ARG A 413 28.22 1.03 -5.55
C ARG A 413 27.39 -0.25 -5.55
N ARG A 414 26.09 -0.09 -5.54
CA ARG A 414 25.18 -1.22 -5.55
C ARG A 414 25.08 -1.80 -6.95
N GLN A 415 25.19 -3.11 -7.04
CA GLN A 415 25.15 -3.84 -8.29
C GLN A 415 23.91 -4.71 -8.31
N TYR A 416 23.27 -4.80 -9.47
CA TYR A 416 22.03 -5.54 -9.64
C TYR A 416 22.13 -6.47 -10.84
N ALA A 417 21.30 -7.51 -10.81
CA ALA A 417 21.13 -8.44 -11.90
C ALA A 417 19.66 -8.51 -12.29
N GLU A 418 19.42 -8.72 -13.57
CA GLU A 418 18.10 -8.96 -14.12
C GLU A 418 17.98 -10.42 -14.51
N GLY A 419 16.87 -11.04 -14.11
CA GLY A 419 16.67 -12.45 -14.38
C GLY A 419 16.35 -12.69 -15.83
N ASN A 420 16.88 -13.81 -16.33
CA ASN A 420 16.62 -14.30 -17.67
C ASN A 420 15.53 -15.36 -17.66
#